data_1GRW
#
_entry.id   1GRW
#
_cell.length_a   53.478
_cell.length_b   53.478
_cell.length_c   457.203
_cell.angle_alpha   90.00
_cell.angle_beta   90.00
_cell.angle_gamma   90.00
#
_symmetry.space_group_name_H-M   'P 41 21 2'
#
loop_
_entity.id
_entity.type
_entity.pdbx_description
1 polymer 'MAJOR SPERM PROTEIN 31/40/142'
2 water water
#
_entity_poly.entity_id   1
_entity_poly.type   'polypeptide(L)'
_entity_poly.pdbx_seq_one_letter_code
;AQSVPPGDIQTQPGTKIVFNAPYDDKHTYHIKVINSSARRIGYGIKTTNMKRLGVDPPCGVLDPKEAVLLAVSCDAFAFG
QEDTNNDRITVEWTNTPDGAAKQFRREWFQGDGMVRRKNLPIEYNP
;
_entity_poly.pdbx_strand_id   A,B,C,D
#
# COMPACT_ATOMS: atom_id res chain seq x y z
N SER A 3 19.39 64.12 -3.69
CA SER A 3 18.74 63.14 -2.84
C SER A 3 17.57 62.33 -3.85
N VAL A 4 17.05 61.13 -4.92
CA VAL A 4 16.44 60.04 -5.72
C VAL A 4 15.78 58.98 -4.85
N PRO A 5 14.59 58.58 -5.26
CA PRO A 5 13.84 57.59 -4.46
C PRO A 5 14.64 56.30 -4.37
N PRO A 6 14.46 55.60 -3.28
CA PRO A 6 15.09 54.29 -3.13
C PRO A 6 14.48 53.34 -4.18
N GLY A 7 15.31 52.48 -4.75
CA GLY A 7 14.84 51.48 -5.69
C GLY A 7 14.14 50.31 -4.99
N ASP A 8 13.92 49.29 -5.79
CA ASP A 8 13.23 48.08 -5.43
C ASP A 8 14.19 46.99 -4.98
N ILE A 9 13.62 46.24 -4.04
CA ILE A 9 14.35 45.08 -3.54
C ILE A 9 13.54 43.86 -3.98
N GLN A 10 14.13 42.72 -3.79
CA GLN A 10 13.43 41.46 -4.04
C GLN A 10 13.55 40.67 -2.74
N THR A 11 12.43 40.03 -2.39
CA THR A 11 12.52 39.22 -1.18
C THR A 11 12.16 37.78 -1.53
N GLN A 12 12.64 36.85 -0.71
CA GLN A 12 12.34 35.42 -0.83
C GLN A 12 12.11 34.96 0.61
N PRO A 13 10.88 34.59 0.93
CA PRO A 13 9.74 34.57 0.06
C PRO A 13 9.27 35.94 -0.37
N GLY A 14 8.58 36.09 -1.51
CA GLY A 14 8.17 37.38 -1.98
C GLY A 14 6.94 38.06 -1.47
N THR A 15 5.94 37.40 -0.84
CA THR A 15 4.69 38.08 -0.49
C THR A 15 4.26 37.86 0.94
N LYS A 16 4.81 36.80 1.52
CA LYS A 16 4.50 36.48 2.91
C LYS A 16 5.42 35.37 3.37
N ILE A 17 5.32 35.06 4.64
CA ILE A 17 6.10 33.96 5.21
C ILE A 17 5.17 33.12 6.05
N VAL A 18 5.20 31.81 5.83
CA VAL A 18 4.28 30.96 6.58
C VAL A 18 5.01 30.22 7.69
N PHE A 19 4.54 30.31 8.92
CA PHE A 19 5.14 29.54 10.00
C PHE A 19 4.26 28.32 10.29
N ASN A 20 4.86 27.16 10.24
CA ASN A 20 4.16 25.91 10.48
C ASN A 20 4.16 25.48 11.94
N ALA A 21 3.07 25.01 12.49
CA ALA A 21 3.09 24.42 13.85
C ALA A 21 3.97 23.18 13.76
N PRO A 22 4.36 22.56 14.86
CA PRO A 22 4.09 22.93 16.24
C PRO A 22 4.65 24.24 16.74
N TYR A 23 3.95 24.92 17.64
CA TYR A 23 4.39 26.20 18.16
C TYR A 23 4.81 26.14 19.63
N ASP A 24 5.40 25.03 20.00
CA ASP A 24 5.81 24.76 21.37
C ASP A 24 7.32 24.76 21.44
N ASP A 25 7.92 25.29 20.38
CA ASP A 25 9.39 25.34 20.30
C ASP A 25 9.71 26.64 19.53
N LYS A 26 10.90 27.14 19.62
CA LYS A 26 11.20 28.34 18.86
C LYS A 26 11.57 27.92 17.47
N HIS A 27 11.00 28.50 16.46
CA HIS A 27 11.36 28.08 15.09
C HIS A 27 12.07 29.28 14.47
N THR A 28 13.16 29.07 13.76
CA THR A 28 13.91 30.13 13.11
C THR A 28 13.76 30.01 11.61
N TYR A 29 13.19 31.06 10.98
CA TYR A 29 12.99 31.03 9.53
C TYR A 29 13.95 32.01 8.90
N HIS A 30 14.08 31.96 7.59
CA HIS A 30 15.01 32.83 6.88
C HIS A 30 14.36 33.57 5.74
N ILE A 31 14.74 34.81 5.55
CA ILE A 31 14.16 35.61 4.45
C ILE A 31 15.36 36.14 3.69
N LYS A 32 15.31 36.05 2.38
CA LYS A 32 16.43 36.58 1.60
C LYS A 32 16.06 37.99 1.10
N VAL A 33 16.87 39.00 1.38
CA VAL A 33 16.61 40.34 0.88
C VAL A 33 17.71 40.68 -0.12
N ILE A 34 17.32 41.00 -1.34
CA ILE A 34 18.24 41.34 -2.40
C ILE A 34 18.03 42.80 -2.86
N ASN A 35 19.12 43.53 -2.96
CA ASN A 35 19.08 44.92 -3.39
C ASN A 35 19.19 44.91 -4.91
N SER A 36 18.06 44.91 -5.60
CA SER A 36 18.05 44.86 -7.05
C SER A 36 18.41 46.22 -7.68
N SER A 37 18.42 47.29 -6.90
CA SER A 37 18.56 48.62 -7.49
C SER A 37 19.98 48.95 -7.89
N ALA A 38 20.17 50.14 -8.49
CA ALA A 38 21.55 50.48 -8.87
C ALA A 38 22.28 51.21 -7.75
N ARG A 39 21.66 51.49 -6.60
CA ARG A 39 22.34 52.22 -5.56
C ARG A 39 22.44 51.50 -4.24
N ARG A 40 23.42 51.89 -3.41
CA ARG A 40 23.59 51.31 -2.09
C ARG A 40 22.41 51.71 -1.20
N ILE A 41 21.90 50.76 -0.41
CA ILE A 41 20.73 51.08 0.41
C ILE A 41 20.99 50.59 1.83
N GLY A 42 20.38 51.25 2.79
CA GLY A 42 20.46 50.95 4.21
C GLY A 42 19.05 50.41 4.51
N TYR A 43 18.93 49.44 5.39
CA TYR A 43 17.62 48.86 5.61
C TYR A 43 17.42 48.60 7.10
N GLY A 44 16.15 48.66 7.50
CA GLY A 44 15.85 48.32 8.92
C GLY A 44 14.66 47.34 8.83
N ILE A 45 14.61 46.39 9.75
CA ILE A 45 13.57 45.42 9.82
C ILE A 45 12.75 45.66 11.08
N LYS A 46 11.45 45.52 11.00
CA LYS A 46 10.57 45.67 12.15
C LYS A 46 9.54 44.56 12.20
N THR A 47 9.07 44.21 13.40
CA THR A 47 8.01 43.20 13.50
C THR A 47 6.90 43.75 14.38
N THR A 48 5.71 43.20 14.23
CA THR A 48 4.53 43.56 15.00
C THR A 48 4.50 42.87 16.35
N ASN A 49 5.47 42.00 16.61
CA ASN A 49 5.37 41.33 17.94
C ASN A 49 6.76 41.08 18.45
N MET A 50 7.34 42.10 19.13
CA MET A 50 8.69 41.99 19.65
C MET A 50 8.81 40.80 20.61
N LYS A 51 7.79 40.52 21.43
CA LYS A 51 7.87 39.43 22.39
C LYS A 51 8.08 38.05 21.74
N ARG A 52 7.31 37.73 20.72
CA ARG A 52 7.34 36.49 19.99
C ARG A 52 8.30 36.54 18.82
N LEU A 53 8.39 37.69 18.12
CA LEU A 53 9.21 37.70 16.91
C LEU A 53 10.50 38.46 17.02
N GLY A 54 11.53 37.95 16.37
CA GLY A 54 12.86 38.52 16.37
C GLY A 54 13.50 38.37 15.00
N VAL A 55 14.20 39.40 14.56
CA VAL A 55 14.89 39.42 13.30
C VAL A 55 16.37 39.77 13.55
N ASP A 56 17.20 39.11 12.76
CA ASP A 56 18.64 39.28 12.86
C ASP A 56 19.36 39.00 11.57
N PRO A 57 20.12 39.93 11.03
CA PRO A 57 20.30 41.25 11.58
C PRO A 57 19.04 42.11 11.40
N PRO A 58 18.84 43.03 12.32
CA PRO A 58 17.70 43.92 12.32
C PRO A 58 17.94 45.15 11.47
N CYS A 59 19.14 45.34 10.92
CA CYS A 59 19.40 46.49 10.07
C CYS A 59 20.74 46.20 9.40
N GLY A 60 20.98 46.81 8.26
CA GLY A 60 22.25 46.61 7.57
C GLY A 60 22.37 47.53 6.35
N VAL A 61 23.35 47.22 5.51
CA VAL A 61 23.59 47.98 4.28
C VAL A 61 23.77 46.96 3.16
N LEU A 62 23.34 47.26 1.97
CA LEU A 62 23.40 46.34 0.83
C LEU A 62 23.84 47.08 -0.42
N ASP A 63 25.02 46.65 -0.94
CA ASP A 63 25.50 47.33 -2.15
C ASP A 63 24.58 46.91 -3.28
N PRO A 64 24.67 47.57 -4.42
CA PRO A 64 23.83 47.16 -5.55
C PRO A 64 24.06 45.68 -5.78
N LYS A 65 23.00 44.92 -6.02
CA LYS A 65 22.97 43.51 -6.30
C LYS A 65 23.38 42.59 -5.18
N GLU A 66 23.70 43.10 -4.00
CA GLU A 66 24.06 42.31 -2.84
C GLU A 66 22.79 41.87 -2.11
N ALA A 67 22.88 40.69 -1.49
CA ALA A 67 21.83 40.06 -0.75
C ALA A 67 22.22 39.77 0.69
N VAL A 68 21.25 39.70 1.55
CA VAL A 68 21.48 39.35 2.94
C VAL A 68 20.41 38.32 3.37
N LEU A 69 20.78 37.38 4.20
CA LEU A 69 19.86 36.34 4.66
C LEU A 69 19.55 36.58 6.13
N LEU A 70 18.28 36.92 6.39
CA LEU A 70 17.83 37.29 7.70
C LEU A 70 17.22 36.14 8.41
N ALA A 71 17.41 36.19 9.72
CA ALA A 71 16.85 35.09 10.53
C ALA A 71 15.70 35.69 11.33
N VAL A 72 14.54 35.12 11.04
CA VAL A 72 13.31 35.49 11.69
C VAL A 72 12.88 34.39 12.67
N SER A 73 13.05 34.66 13.94
CA SER A 73 12.66 33.65 14.92
C SER A 73 11.24 33.90 15.43
N CYS A 74 10.58 32.81 15.78
CA CYS A 74 9.25 32.78 16.34
C CYS A 74 9.25 31.91 17.60
N ASP A 75 9.20 32.55 18.77
CA ASP A 75 9.22 31.85 20.03
C ASP A 75 8.07 30.83 20.10
N ALA A 76 8.21 29.92 21.05
CA ALA A 76 7.11 29.01 21.40
C ALA A 76 6.00 29.94 21.92
N PHE A 77 4.75 29.61 21.74
CA PHE A 77 3.62 30.43 22.23
C PHE A 77 2.38 29.55 22.14
N ALA A 78 1.31 29.94 22.78
CA ALA A 78 0.05 29.19 22.76
C ALA A 78 -0.88 29.83 21.71
N PHE A 79 -0.67 29.28 20.52
CA PHE A 79 -1.40 29.58 19.32
C PHE A 79 -2.92 29.41 19.54
N GLY A 80 -3.27 28.31 20.20
CA GLY A 80 -4.62 27.98 20.52
C GLY A 80 -5.37 29.00 21.36
N GLN A 81 -4.69 29.96 21.99
CA GLN A 81 -5.36 30.95 22.80
C GLN A 81 -5.05 32.39 22.46
N GLU A 82 -4.21 32.65 21.48
CA GLU A 82 -3.82 34.01 21.14
C GLU A 82 -4.30 34.50 19.79
N ASP A 83 -3.97 35.74 19.51
CA ASP A 83 -4.26 36.46 18.29
C ASP A 83 -3.12 36.12 17.33
N THR A 84 -3.48 35.68 16.13
CA THR A 84 -2.43 35.42 15.15
C THR A 84 -2.80 35.96 13.78
N ASN A 85 -3.88 36.74 13.67
CA ASN A 85 -4.16 37.24 12.30
C ASN A 85 -3.47 38.56 12.07
N ASN A 86 -2.59 39.05 12.97
CA ASN A 86 -1.95 40.32 12.78
C ASN A 86 -0.45 40.44 12.84
N ASP A 87 0.31 39.43 12.48
CA ASP A 87 1.74 39.58 12.52
C ASP A 87 2.29 39.88 11.12
N ARG A 88 3.29 40.75 11.12
CA ARG A 88 3.98 41.00 9.86
C ARG A 88 5.42 41.41 10.08
N ILE A 89 6.23 41.19 9.08
CA ILE A 89 7.63 41.61 9.15
C ILE A 89 7.71 42.80 8.20
N THR A 90 8.34 43.88 8.57
CA THR A 90 8.45 45.03 7.68
C THR A 90 9.91 45.34 7.35
N VAL A 91 10.17 45.42 6.04
CA VAL A 91 11.47 45.80 5.53
C VAL A 91 11.39 47.27 5.10
N GLU A 92 12.17 48.11 5.76
CA GLU A 92 12.24 49.54 5.41
C GLU A 92 13.65 49.80 4.85
N TRP A 93 13.72 50.68 3.84
CA TRP A 93 15.01 51.05 3.28
C TRP A 93 15.06 52.40 2.59
N THR A 94 16.31 52.91 2.52
CA THR A 94 16.54 54.15 1.81
C THR A 94 17.92 54.17 1.16
N ASN A 95 18.14 54.95 0.12
CA ASN A 95 19.44 55.12 -0.50
C ASN A 95 20.35 55.75 0.59
N THR A 96 21.53 55.25 0.66
CA THR A 96 22.59 55.62 1.60
C THR A 96 23.15 56.93 1.11
N PRO A 97 23.29 57.91 1.98
CA PRO A 97 23.82 59.21 1.59
C PRO A 97 25.27 59.12 1.13
N ASP A 98 25.57 60.00 0.20
CA ASP A 98 26.89 60.19 -0.34
C ASP A 98 28.04 60.07 0.64
N GLY A 99 29.02 59.23 0.27
CA GLY A 99 30.18 59.05 1.13
C GLY A 99 29.78 58.86 2.59
N ALA A 100 29.09 57.73 2.76
CA ALA A 100 28.72 57.33 4.12
C ALA A 100 29.31 55.91 4.19
N ALA A 101 29.61 55.52 5.39
CA ALA A 101 30.22 54.22 5.65
C ALA A 101 29.26 53.07 5.44
N LYS A 102 29.72 51.84 5.30
CA LYS A 102 28.82 50.68 5.15
C LYS A 102 28.43 50.25 6.56
N GLN A 103 27.88 51.11 7.36
CA GLN A 103 27.42 50.90 8.73
C GLN A 103 26.19 51.78 8.99
N PHE A 104 25.11 51.08 9.31
CA PHE A 104 23.78 51.61 9.44
C PHE A 104 23.54 52.72 10.44
N ARG A 105 22.93 53.82 10.00
CA ARG A 105 22.67 54.90 10.98
C ARG A 105 21.19 55.16 10.93
N ARG A 106 20.57 55.11 12.10
CA ARG A 106 19.13 55.37 12.21
C ARG A 106 18.76 56.73 11.64
N GLU A 107 19.71 57.64 11.55
CA GLU A 107 19.60 58.96 10.99
C GLU A 107 19.21 58.95 9.53
N TRP A 108 19.68 57.97 8.77
CA TRP A 108 19.30 57.94 7.36
C TRP A 108 17.79 57.97 7.19
N PHE A 109 17.01 57.48 8.14
CA PHE A 109 15.57 57.46 8.09
C PHE A 109 14.89 58.65 8.75
N GLN A 110 15.67 59.54 9.36
CA GLN A 110 15.05 60.66 10.04
C GLN A 110 15.29 62.00 9.33
N GLY A 111 16.39 62.18 8.66
CA GLY A 111 16.63 63.39 7.91
C GLY A 111 15.84 63.43 6.61
N ASP A 112 15.94 64.58 5.97
CA ASP A 112 15.25 64.82 4.73
C ASP A 112 15.43 63.63 3.83
N GLY A 113 14.37 63.07 3.27
CA GLY A 113 14.54 61.97 2.36
C GLY A 113 13.29 61.10 2.27
N MET A 114 13.49 59.98 1.54
CA MET A 114 12.50 59.02 1.23
C MET A 114 12.78 57.65 1.84
N VAL A 115 11.78 57.10 2.51
CA VAL A 115 11.89 55.77 3.08
C VAL A 115 10.91 54.85 2.36
N ARG A 116 11.37 53.70 1.91
CA ARG A 116 10.46 52.79 1.22
C ARG A 116 10.20 51.59 2.13
N ARG A 117 9.02 50.97 1.97
CA ARG A 117 8.74 49.82 2.81
C ARG A 117 8.01 48.70 2.09
N LYS A 118 8.33 47.47 2.50
CA LYS A 118 7.68 46.28 2.02
C LYS A 118 7.23 45.42 3.19
N ASN A 119 5.92 45.16 3.23
CA ASN A 119 5.41 44.27 4.28
C ASN A 119 5.40 42.82 3.80
N LEU A 120 5.67 41.94 4.73
CA LEU A 120 5.66 40.51 4.59
C LEU A 120 4.84 39.94 5.75
N PRO A 121 3.54 39.86 5.60
CA PRO A 121 2.64 39.35 6.62
C PRO A 121 3.01 37.92 7.00
N ILE A 122 2.82 37.61 8.27
CA ILE A 122 3.12 36.27 8.76
C ILE A 122 1.81 35.47 8.72
N GLU A 123 1.86 34.28 8.19
CA GLU A 123 0.65 33.43 8.13
C GLU A 123 0.98 32.17 8.90
N TYR A 124 0.04 31.80 9.75
CA TYR A 124 0.22 30.65 10.60
C TYR A 124 -0.50 29.43 10.04
N ASN A 125 0.24 28.35 9.88
CA ASN A 125 -0.28 27.05 9.45
C ASN A 125 -0.19 26.02 10.60
N PRO A 126 -1.42 25.97 11.29
CA PRO A 126 -1.50 25.10 12.47
C PRO A 126 -1.72 23.62 12.26
N SER B 3 -9.59 -7.74 16.04
CA SER B 3 -8.93 -6.67 15.30
C SER B 3 -10.08 -5.53 15.59
N VAL B 4 -10.35 -4.37 15.49
CA VAL B 4 -10.86 -2.99 15.60
C VAL B 4 -10.05 -1.98 14.82
N PRO B 5 -10.68 -0.93 14.27
CA PRO B 5 -10.01 0.01 13.39
C PRO B 5 -9.02 0.91 14.06
N PRO B 6 -7.95 1.30 13.38
CA PRO B 6 -6.98 2.20 13.97
C PRO B 6 -7.67 3.52 14.37
N GLY B 7 -7.40 3.95 15.59
CA GLY B 7 -7.99 5.24 15.99
C GLY B 7 -7.26 6.36 15.25
N ASP B 8 -7.67 7.59 15.48
CA ASP B 8 -7.10 8.73 14.82
C ASP B 8 -5.91 9.28 15.59
N ILE B 9 -5.06 9.94 14.82
CA ILE B 9 -3.91 10.61 15.41
C ILE B 9 -4.13 12.11 15.25
N GLN B 10 -3.15 12.88 15.69
CA GLN B 10 -3.25 14.35 15.54
C GLN B 10 -1.89 14.68 14.95
N THR B 11 -1.85 15.59 14.00
CA THR B 11 -0.58 16.03 13.46
C THR B 11 -0.53 17.57 13.62
N GLN B 12 0.69 18.07 13.68
CA GLN B 12 1.04 19.46 13.75
C GLN B 12 2.21 19.65 12.79
N PRO B 13 2.01 20.37 11.69
CA PRO B 13 0.78 21.00 11.32
C PRO B 13 -0.35 20.02 11.02
N GLY B 14 -1.61 20.42 11.21
CA GLY B 14 -2.77 19.62 11.05
C GLY B 14 -3.32 19.25 9.69
N THR B 15 -3.09 19.99 8.58
CA THR B 15 -3.64 19.72 7.29
C THR B 15 -2.68 19.84 6.11
N LYS B 16 -1.54 20.46 6.32
CA LYS B 16 -0.52 20.62 5.31
C LYS B 16 0.76 21.25 5.89
N ILE B 17 1.84 21.21 5.12
CA ILE B 17 3.08 21.81 5.57
C ILE B 17 3.55 22.79 4.49
N VAL B 18 3.96 24.01 4.87
CA VAL B 18 4.37 24.96 3.84
C VAL B 18 5.87 25.19 3.89
N PHE B 19 6.57 25.04 2.75
CA PHE B 19 7.99 25.29 2.71
C PHE B 19 8.24 26.69 2.12
N ASN B 20 8.99 27.50 2.87
CA ASN B 20 9.27 28.85 2.41
C ASN B 20 10.54 28.95 1.57
N ALA B 21 10.55 29.72 0.49
CA ALA B 21 11.78 29.98 -0.29
C ALA B 21 12.72 30.81 0.58
N PRO B 22 13.99 30.93 0.27
CA PRO B 22 14.66 30.32 -0.86
C PRO B 22 14.79 28.82 -0.78
N TYR B 23 15.10 28.20 -1.92
CA TYR B 23 15.26 26.73 -1.98
C TYR B 23 16.64 26.37 -2.52
N ASP B 24 17.68 27.10 -2.06
CA ASP B 24 19.01 26.82 -2.54
C ASP B 24 19.92 26.16 -1.51
N ASP B 25 19.33 25.67 -0.45
CA ASP B 25 20.00 24.87 0.56
C ASP B 25 18.95 23.87 1.08
N LYS B 26 19.43 22.80 1.72
CA LYS B 26 18.50 21.79 2.21
C LYS B 26 17.93 22.37 3.51
N HIS B 27 16.61 22.38 3.54
CA HIS B 27 15.93 22.87 4.74
C HIS B 27 15.20 21.68 5.34
N THR B 28 15.19 21.66 6.65
CA THR B 28 14.57 20.61 7.41
C THR B 28 13.39 21.10 8.24
N TYR B 29 12.22 20.54 7.95
CA TYR B 29 11.05 20.96 8.74
C TYR B 29 10.72 19.77 9.66
N HIS B 30 9.86 20.05 10.60
CA HIS B 30 9.42 19.07 11.57
C HIS B 30 7.90 18.88 11.64
N ILE B 31 7.45 17.65 11.89
CA ILE B 31 6.03 17.33 11.97
C ILE B 31 5.74 16.54 13.24
N LYS B 32 4.85 17.02 14.09
CA LYS B 32 4.56 16.27 15.31
C LYS B 32 3.39 15.30 15.04
N VAL B 33 3.58 14.02 15.34
CA VAL B 33 2.51 13.04 15.18
C VAL B 33 2.19 12.53 16.59
N ILE B 34 0.93 12.62 16.96
CA ILE B 34 0.49 12.26 18.28
C ILE B 34 -0.58 11.16 18.17
N ASN B 35 -0.35 10.10 18.92
CA ASN B 35 -1.27 9.00 18.94
C ASN B 35 -2.35 9.35 19.96
N SER B 36 -3.45 9.91 19.52
CA SER B 36 -4.54 10.24 20.44
C SER B 36 -5.45 9.02 20.67
N SER B 37 -5.16 7.88 20.05
CA SER B 37 -6.07 6.76 20.23
C SER B 37 -5.77 6.04 21.56
N ALA B 38 -6.66 5.06 21.79
CA ALA B 38 -6.44 4.33 23.06
C ALA B 38 -5.45 3.19 22.86
N ARG B 39 -5.08 2.88 21.60
CA ARG B 39 -4.25 1.71 21.47
C ARG B 39 -2.90 2.02 20.87
N ARG B 40 -1.92 1.18 21.20
CA ARG B 40 -0.58 1.36 20.65
C ARG B 40 -0.69 1.22 19.14
N ILE B 41 0.03 2.08 18.39
CA ILE B 41 -0.07 1.98 16.92
C ILE B 41 1.36 1.90 16.38
N GLY B 42 1.46 1.43 15.17
CA GLY B 42 2.72 1.33 14.44
C GLY B 42 2.55 2.29 13.24
N TYR B 43 3.53 3.15 12.98
CA TYR B 43 3.25 4.05 11.83
C TYR B 43 4.36 3.95 10.79
N GLY B 44 4.03 4.30 9.58
CA GLY B 44 4.94 4.38 8.44
C GLY B 44 4.80 5.76 7.77
N ILE B 45 5.92 6.35 7.29
CA ILE B 45 5.81 7.64 6.61
C ILE B 45 6.28 7.44 5.17
N LYS B 46 5.67 8.06 4.18
CA LYS B 46 6.12 8.04 2.80
C LYS B 46 6.01 9.44 2.19
N THR B 47 6.69 9.69 1.07
CA THR B 47 6.58 10.97 0.42
C THR B 47 6.41 10.72 -1.09
N THR B 48 5.93 11.71 -1.80
CA THR B 48 5.80 11.68 -3.22
C THR B 48 7.12 11.94 -3.93
N ASN B 49 8.16 12.44 -3.27
CA ASN B 49 9.42 12.74 -3.97
C ASN B 49 10.64 12.20 -3.25
N MET B 50 11.00 10.93 -3.48
CA MET B 50 12.14 10.35 -2.75
C MET B 50 13.40 11.15 -3.02
N LYS B 51 13.59 11.59 -4.27
CA LYS B 51 14.72 12.40 -4.65
C LYS B 51 14.89 13.68 -3.85
N ARG B 52 13.87 14.49 -3.65
CA ARG B 52 13.98 15.77 -2.96
C ARG B 52 13.60 15.72 -1.50
N LEU B 53 12.60 14.90 -1.19
CA LEU B 53 12.11 14.78 0.19
C LEU B 53 12.55 13.52 0.92
N GLY B 54 12.70 13.62 2.24
CA GLY B 54 13.08 12.55 3.13
C GLY B 54 12.47 12.82 4.50
N VAL B 55 12.05 11.78 5.18
CA VAL B 55 11.46 11.84 6.51
C VAL B 55 12.25 10.90 7.43
N ASP B 56 12.28 11.24 8.71
CA ASP B 56 13.10 10.51 9.67
C ASP B 56 12.59 10.83 11.08
N PRO B 57 12.17 9.83 11.82
CA PRO B 57 12.16 8.45 11.40
C PRO B 57 11.13 8.18 10.33
N PRO B 58 11.34 7.13 9.55
CA PRO B 58 10.42 6.75 8.48
C PRO B 58 9.35 5.79 8.98
N CYS B 59 9.55 5.27 10.20
CA CYS B 59 8.62 4.35 10.83
C CYS B 59 8.89 4.24 12.34
N GLY B 60 7.87 3.73 13.07
CA GLY B 60 8.07 3.60 14.51
C GLY B 60 6.80 3.14 15.18
N VAL B 61 6.80 3.25 16.52
CA VAL B 61 5.62 2.80 17.29
C VAL B 61 5.30 3.87 18.33
N LEU B 62 4.03 4.11 18.57
CA LEU B 62 3.63 5.10 19.54
C LEU B 62 2.60 4.50 20.52
N ASP B 63 2.85 4.61 21.81
CA ASP B 63 1.88 4.18 22.81
C ASP B 63 0.74 5.20 22.86
N PRO B 64 -0.37 4.85 23.44
CA PRO B 64 -1.50 5.76 23.56
C PRO B 64 -1.00 7.05 24.17
N LYS B 65 -1.33 8.20 23.58
CA LYS B 65 -0.99 9.52 24.02
C LYS B 65 0.47 9.88 23.78
N GLU B 66 1.30 8.98 23.28
CA GLU B 66 2.69 9.32 23.03
C GLU B 66 2.87 10.12 21.75
N ALA B 67 3.85 11.01 21.67
CA ALA B 67 4.08 11.73 20.43
C ALA B 67 5.47 11.46 19.86
N VAL B 68 5.65 11.88 18.59
CA VAL B 68 6.94 11.77 17.96
C VAL B 68 7.15 12.95 17.03
N LEU B 69 8.37 13.49 17.00
CA LEU B 69 8.65 14.61 16.10
C LEU B 69 9.38 14.04 14.88
N LEU B 70 8.89 14.36 13.71
CA LEU B 70 9.49 13.87 12.48
C LEU B 70 10.24 14.98 11.75
N ALA B 71 11.33 14.55 11.10
CA ALA B 71 12.15 15.56 10.41
C ALA B 71 11.95 15.35 8.93
N VAL B 72 11.38 16.44 8.36
CA VAL B 72 11.11 16.38 6.91
C VAL B 72 12.13 17.22 6.18
N SER B 73 13.02 16.59 5.41
CA SER B 73 14.03 17.38 4.72
C SER B 73 13.65 17.64 3.26
N CYS B 74 13.93 18.86 2.86
CA CYS B 74 13.73 19.30 1.49
C CYS B 74 15.10 19.67 0.88
N ASP B 75 15.55 18.91 -0.12
CA ASP B 75 16.85 19.17 -0.74
C ASP B 75 16.73 20.41 -1.62
N ALA B 76 17.87 21.05 -1.92
CA ALA B 76 17.82 22.25 -2.76
C ALA B 76 17.23 21.85 -4.10
N PHE B 77 16.65 22.82 -4.80
CA PHE B 77 16.07 22.48 -6.12
C PHE B 77 15.72 23.74 -6.89
N ALA B 78 15.58 23.65 -8.21
CA ALA B 78 15.25 24.85 -9.01
C ALA B 78 13.73 24.95 -9.11
N PHE B 79 13.23 25.91 -8.36
CA PHE B 79 11.83 26.16 -8.21
C PHE B 79 10.99 26.21 -9.48
N GLY B 80 11.28 27.11 -10.40
CA GLY B 80 10.49 27.21 -11.63
C GLY B 80 10.55 25.98 -12.53
N GLN B 81 11.69 25.28 -12.60
CA GLN B 81 11.83 24.15 -13.47
C GLN B 81 11.34 22.83 -12.91
N GLU B 82 10.83 22.80 -11.68
CA GLU B 82 10.40 21.52 -11.12
C GLU B 82 8.93 21.44 -10.78
N ASP B 83 8.49 20.18 -10.68
CA ASP B 83 7.13 19.89 -10.30
C ASP B 83 7.02 20.17 -8.78
N THR B 84 6.11 21.06 -8.46
CA THR B 84 5.90 21.53 -7.09
C THR B 84 4.43 21.49 -6.74
N ASN B 85 3.62 21.09 -7.74
CA ASN B 85 2.19 21.08 -7.47
C ASN B 85 1.73 19.81 -6.82
N ASN B 86 2.56 18.74 -6.87
CA ASN B 86 2.07 17.47 -6.35
C ASN B 86 2.78 16.81 -5.20
N ASP B 87 3.44 17.55 -4.31
CA ASP B 87 4.15 16.88 -3.22
C ASP B 87 3.29 16.76 -1.98
N ARG B 88 3.51 15.65 -1.28
CA ARG B 88 2.79 15.43 -0.03
C ARG B 88 3.52 14.39 0.81
N ILE B 89 3.20 14.33 2.07
CA ILE B 89 3.75 13.41 3.04
C ILE B 89 2.58 12.57 3.53
N THR B 90 2.78 11.26 3.65
CA THR B 90 1.65 10.39 4.03
C THR B 90 1.98 9.60 5.27
N VAL B 91 1.17 9.74 6.29
CA VAL B 91 1.33 8.99 7.53
C VAL B 91 0.38 7.79 7.44
N GLU B 92 0.92 6.61 7.58
CA GLU B 92 0.13 5.32 7.46
C GLU B 92 0.18 4.63 8.83
N TRP B 93 -0.97 4.25 9.40
CA TRP B 93 -0.79 3.58 10.70
C TRP B 93 -1.79 2.47 10.91
N THR B 94 -1.53 1.60 11.88
CA THR B 94 -2.47 0.56 12.24
C THR B 94 -2.20 0.17 13.68
N ASN B 95 -3.13 -0.44 14.36
CA ASN B 95 -3.00 -0.89 15.75
C ASN B 95 -1.96 -2.01 15.81
N THR B 96 -1.04 -2.01 16.77
CA THR B 96 -0.05 -3.07 16.87
C THR B 96 -0.76 -4.34 17.34
N PRO B 97 -0.28 -5.49 16.91
CA PRO B 97 -0.84 -6.77 17.30
C PRO B 97 -0.56 -7.04 18.78
N ASP B 98 -1.58 -7.61 19.39
CA ASP B 98 -1.59 -8.00 20.78
C ASP B 98 -0.34 -8.72 21.25
N GLY B 99 0.24 -8.16 22.32
CA GLY B 99 1.51 -8.70 22.86
C GLY B 99 2.59 -7.86 22.19
N ALA B 100 3.51 -8.48 21.48
CA ALA B 100 4.55 -7.82 20.71
C ALA B 100 5.33 -6.72 21.41
N ALA B 101 6.37 -6.27 20.71
CA ALA B 101 7.26 -5.25 21.23
C ALA B 101 7.07 -3.94 20.48
N LYS B 102 7.92 -3.02 20.91
CA LYS B 102 7.98 -1.69 20.35
C LYS B 102 9.03 -1.59 19.25
N GLN B 103 8.99 -2.54 18.30
CA GLN B 103 9.91 -2.51 17.15
C GLN B 103 9.02 -2.72 15.91
N PHE B 104 8.86 -1.64 15.13
CA PHE B 104 8.03 -1.69 13.94
C PHE B 104 8.29 -2.95 13.12
N ARG B 105 7.22 -3.48 12.54
CA ARG B 105 7.30 -4.63 11.67
C ARG B 105 6.48 -4.36 10.43
N ARG B 106 7.07 -4.30 9.25
CA ARG B 106 6.31 -4.11 8.01
C ARG B 106 5.14 -5.07 7.88
N GLU B 107 5.23 -6.24 8.51
CA GLU B 107 4.23 -7.29 8.48
C GLU B 107 2.83 -6.86 8.92
N TRP B 108 2.76 -5.97 9.89
CA TRP B 108 1.57 -5.38 10.43
C TRP B 108 0.69 -4.72 9.37
N PHE B 109 1.25 -4.28 8.28
CA PHE B 109 0.54 -3.59 7.21
C PHE B 109 0.18 -4.59 6.13
N GLN B 110 0.89 -5.72 6.25
CA GLN B 110 0.78 -6.80 5.30
C GLN B 110 -0.35 -7.72 5.65
N GLY B 111 -0.37 -8.28 6.85
CA GLY B 111 -1.40 -9.25 7.25
C GLY B 111 -2.83 -8.79 7.18
N ASP B 112 -3.76 -9.69 7.55
CA ASP B 112 -5.18 -9.25 7.55
C ASP B 112 -5.38 -8.02 8.43
N GLY B 113 -6.34 -7.15 8.01
CA GLY B 113 -6.59 -6.01 8.82
C GLY B 113 -6.85 -4.71 8.11
N MET B 114 -6.65 -3.64 8.89
CA MET B 114 -6.93 -2.29 8.45
C MET B 114 -5.80 -1.30 8.60
N VAL B 115 -5.60 -0.51 7.55
CA VAL B 115 -4.58 0.53 7.57
C VAL B 115 -5.26 1.89 7.44
N ARG B 116 -4.81 2.88 8.21
CA ARG B 116 -5.41 4.20 8.11
C ARG B 116 -4.32 5.18 7.67
N ARG B 117 -4.70 6.14 6.82
CA ARG B 117 -3.74 7.09 6.34
C ARG B 117 -4.19 8.56 6.46
N LYS B 118 -3.15 9.38 6.61
CA LYS B 118 -3.42 10.83 6.63
C LYS B 118 -2.41 11.49 5.70
N ASN B 119 -2.89 12.24 4.73
CA ASN B 119 -2.00 12.95 3.84
C ASN B 119 -1.83 14.42 4.28
N LEU B 120 -0.57 14.86 4.22
CA LEU B 120 -0.22 16.24 4.47
C LEU B 120 0.45 16.78 3.21
N PRO B 121 -0.29 17.47 2.38
CA PRO B 121 0.24 18.07 1.15
C PRO B 121 1.28 19.12 1.48
N ILE B 122 2.32 19.18 0.70
CA ILE B 122 3.44 20.09 0.79
C ILE B 122 3.09 21.29 -0.14
N GLU B 123 3.05 22.47 0.44
CA GLU B 123 2.73 23.68 -0.36
C GLU B 123 3.96 24.58 -0.34
N TYR B 124 4.32 25.13 -1.49
CA TYR B 124 5.56 25.91 -1.59
C TYR B 124 5.26 27.40 -1.65
N ASN B 125 5.89 28.15 -0.76
CA ASN B 125 5.73 29.62 -0.72
C ASN B 125 7.03 30.31 -1.16
N PRO B 126 6.94 30.72 -2.49
CA PRO B 126 8.13 31.26 -3.12
C PRO B 126 8.47 32.70 -2.97
N SER C 3 -15.85 9.49 8.86
CA SER C 3 -15.13 8.31 8.39
C SER C 3 -15.69 6.98 8.90
N VAL C 4 -16.02 6.40 7.63
CA VAL C 4 -16.24 5.14 8.36
C VAL C 4 -15.35 4.05 7.77
N PRO C 5 -14.87 3.11 8.56
CA PRO C 5 -14.06 2.00 8.06
C PRO C 5 -14.83 1.20 7.01
N PRO C 6 -14.14 0.48 6.14
CA PRO C 6 -14.83 -0.33 5.15
C PRO C 6 -15.43 -1.51 5.93
N GLY C 7 -16.57 -2.00 5.48
CA GLY C 7 -17.22 -3.18 6.07
C GLY C 7 -16.52 -4.45 5.59
N ASP C 8 -17.01 -5.64 6.00
CA ASP C 8 -16.30 -6.84 5.59
C ASP C 8 -16.82 -7.38 4.28
N ILE C 9 -16.01 -8.23 3.65
CA ILE C 9 -16.39 -8.95 2.45
C ILE C 9 -16.42 -10.45 2.75
N GLN C 10 -17.04 -11.22 1.85
CA GLN C 10 -16.96 -12.69 2.00
C GLN C 10 -16.22 -13.18 0.77
N THR C 11 -15.34 -14.15 0.91
CA THR C 11 -14.68 -14.78 -0.22
C THR C 11 -15.01 -16.27 -0.25
N GLN C 12 -14.87 -16.82 -1.44
CA GLN C 12 -14.99 -18.26 -1.69
C GLN C 12 -13.81 -18.59 -2.59
N PRO C 13 -12.85 -19.39 -2.19
CA PRO C 13 -12.81 -20.03 -0.90
C PRO C 13 -12.66 -18.96 0.19
N GLY C 14 -13.02 -19.23 1.43
CA GLY C 14 -12.93 -18.27 2.49
C GLY C 14 -11.61 -18.16 3.20
N THR C 15 -10.67 -19.08 3.07
CA THR C 15 -9.44 -19.03 3.85
C THR C 15 -8.15 -19.14 3.11
N LYS C 16 -8.23 -19.83 1.97
CA LYS C 16 -7.00 -20.08 1.21
C LYS C 16 -7.47 -20.79 -0.06
N ILE C 17 -6.55 -20.99 -0.97
CA ILE C 17 -6.92 -21.64 -2.23
C ILE C 17 -5.83 -22.64 -2.56
N VAL C 18 -6.29 -23.86 -2.93
CA VAL C 18 -5.26 -24.90 -3.18
C VAL C 18 -5.05 -25.18 -4.64
N PHE C 19 -3.82 -25.15 -5.13
CA PHE C 19 -3.57 -25.51 -6.52
C PHE C 19 -3.09 -26.97 -6.59
N ASN C 20 -3.82 -27.80 -7.33
CA ASN C 20 -3.45 -29.22 -7.49
C ASN C 20 -2.48 -29.51 -8.61
N ALA C 21 -1.48 -30.37 -8.38
CA ALA C 21 -0.57 -30.74 -9.49
C ALA C 21 -1.43 -31.59 -10.45
N PRO C 22 -0.97 -31.76 -11.68
CA PRO C 22 0.27 -31.30 -12.20
C PRO C 22 0.44 -29.83 -12.48
N TYR C 23 1.70 -29.35 -12.61
CA TYR C 23 1.90 -27.92 -12.88
C TYR C 23 2.62 -27.69 -14.20
N ASP C 24 2.31 -28.54 -15.18
CA ASP C 24 3.06 -28.44 -16.43
C ASP C 24 2.27 -27.67 -17.46
N ASP C 25 1.14 -27.12 -17.07
CA ASP C 25 0.34 -26.33 -18.00
C ASP C 25 -0.11 -25.10 -17.22
N LYS C 26 -0.76 -24.19 -17.93
CA LYS C 26 -1.26 -23.01 -17.21
C LYS C 26 -2.63 -23.38 -16.64
N HIS C 27 -2.76 -23.13 -15.33
CA HIS C 27 -4.06 -23.50 -14.75
C HIS C 27 -4.74 -22.24 -14.24
N THR C 28 -6.03 -22.15 -14.52
CA THR C 28 -6.81 -21.01 -14.08
C THR C 28 -7.83 -21.37 -13.01
N TYR C 29 -7.67 -20.74 -11.84
CA TYR C 29 -8.60 -20.96 -10.72
C TYR C 29 -9.50 -19.75 -10.55
N HIS C 30 -10.57 -19.88 -9.81
CA HIS C 30 -11.50 -18.77 -9.62
C HIS C 30 -11.77 -18.45 -8.17
N ILE C 31 -11.89 -17.17 -7.83
CA ILE C 31 -12.23 -16.70 -6.49
C ILE C 31 -13.44 -15.78 -6.50
N LYS C 32 -14.42 -16.10 -5.68
CA LYS C 32 -15.60 -15.24 -5.63
C LYS C 32 -15.44 -14.24 -4.47
N VAL C 33 -15.51 -12.95 -4.80
CA VAL C 33 -15.47 -11.89 -3.82
C VAL C 33 -16.87 -11.25 -3.72
N ILE C 34 -17.43 -11.32 -2.50
CA ILE C 34 -18.77 -10.79 -2.30
C ILE C 34 -18.71 -9.57 -1.38
N ASN C 35 -19.32 -8.48 -1.81
CA ASN C 35 -19.39 -7.30 -0.94
C ASN C 35 -20.61 -7.42 -0.02
N SER C 36 -20.44 -7.95 1.17
CA SER C 36 -21.52 -8.12 2.13
C SER C 36 -21.83 -6.80 2.85
N SER C 37 -20.96 -5.79 2.75
CA SER C 37 -21.16 -4.54 3.47
C SER C 37 -22.37 -3.83 2.86
N ALA C 38 -22.75 -2.72 3.51
CA ALA C 38 -23.93 -1.98 3.06
C ALA C 38 -23.56 -0.86 2.11
N ARG C 39 -22.27 -0.69 1.84
CA ARG C 39 -21.82 0.39 0.97
C ARG C 39 -20.95 -0.15 -0.18
N ARG C 40 -20.95 0.67 -1.21
CA ARG C 40 -20.15 0.48 -2.39
C ARG C 40 -18.65 0.58 -2.05
N ILE C 41 -17.90 -0.45 -2.44
CA ILE C 41 -16.47 -0.48 -2.21
C ILE C 41 -15.71 -0.60 -3.52
N GLY C 42 -14.47 -0.20 -3.42
CA GLY C 42 -13.56 -0.30 -4.59
C GLY C 42 -12.50 -1.30 -4.10
N TYR C 43 -12.05 -2.20 -4.96
CA TYR C 43 -11.09 -3.20 -4.55
C TYR C 43 -9.91 -3.30 -5.50
N GLY C 44 -8.81 -3.76 -4.93
CA GLY C 44 -7.58 -4.03 -5.67
C GLY C 44 -7.15 -5.47 -5.29
N ILE C 45 -6.53 -6.16 -6.25
CA ILE C 45 -6.04 -7.51 -5.95
C ILE C 45 -4.53 -7.55 -6.23
N LYS C 46 -3.78 -8.20 -5.31
CA LYS C 46 -2.35 -8.36 -5.59
C LYS C 46 -1.97 -9.80 -5.30
N THR C 47 -0.89 -10.31 -5.85
CA THR C 47 -0.36 -11.63 -5.54
C THR C 47 1.15 -11.44 -5.27
N THR C 48 1.77 -12.44 -4.71
CA THR C 48 3.20 -12.48 -4.40
C THR C 48 4.11 -13.00 -5.49
N ASN C 49 3.56 -13.36 -6.64
CA ASN C 49 4.46 -13.86 -7.72
C ASN C 49 3.83 -13.35 -9.01
N MET C 50 4.22 -12.15 -9.42
CA MET C 50 3.65 -11.53 -10.62
C MET C 50 4.07 -12.32 -11.84
N LYS C 51 5.17 -13.05 -11.77
CA LYS C 51 5.62 -13.88 -12.88
C LYS C 51 4.71 -15.10 -13.11
N ARG C 52 4.48 -15.85 -12.05
CA ARG C 52 3.71 -17.08 -12.11
C ARG C 52 2.21 -16.89 -11.94
N LEU C 53 1.79 -15.98 -11.07
CA LEU C 53 0.40 -15.70 -10.80
C LEU C 53 -0.10 -14.43 -11.43
N GLY C 54 -1.38 -14.37 -11.68
CA GLY C 54 -2.01 -13.17 -12.25
C GLY C 54 -3.49 -13.31 -11.95
N VAL C 55 -4.11 -12.18 -11.68
CA VAL C 55 -5.52 -12.13 -11.34
C VAL C 55 -6.27 -11.18 -12.27
N ASP C 56 -7.45 -11.55 -12.73
CA ASP C 56 -8.30 -10.71 -13.55
C ASP C 56 -9.78 -10.90 -13.17
N PRO C 57 -10.44 -9.80 -12.95
CA PRO C 57 -9.87 -8.46 -13.01
C PRO C 57 -8.98 -8.10 -11.84
N PRO C 58 -8.00 -7.21 -11.98
CA PRO C 58 -7.06 -6.86 -10.91
C PRO C 58 -7.59 -5.81 -9.94
N CYS C 59 -8.70 -5.17 -10.33
CA CYS C 59 -9.30 -4.13 -9.50
C CYS C 59 -10.70 -3.85 -10.02
N GLY C 60 -11.57 -3.30 -9.19
CA GLY C 60 -12.93 -3.00 -9.63
C GLY C 60 -13.79 -2.35 -8.57
N VAL C 61 -15.11 -2.28 -8.75
CA VAL C 61 -16.02 -1.69 -7.78
C VAL C 61 -17.20 -2.62 -7.55
N LEU C 62 -17.58 -2.81 -6.31
CA LEU C 62 -18.72 -3.70 -6.03
C LEU C 62 -19.80 -2.90 -5.31
N ASP C 63 -21.02 -3.01 -5.83
CA ASP C 63 -22.11 -2.33 -5.10
C ASP C 63 -22.41 -3.24 -3.92
N PRO C 64 -23.19 -2.79 -2.98
CA PRO C 64 -23.55 -3.59 -1.81
C PRO C 64 -24.23 -4.89 -2.25
N LYS C 65 -23.79 -6.02 -1.68
CA LYS C 65 -24.37 -7.33 -1.98
C LYS C 65 -24.01 -7.88 -3.37
N GLU C 66 -23.21 -7.16 -4.14
CA GLU C 66 -22.73 -7.52 -5.45
C GLU C 66 -21.48 -8.39 -5.39
N ALA C 67 -21.40 -9.35 -6.32
CA ALA C 67 -20.19 -10.20 -6.27
C ALA C 67 -19.47 -10.13 -7.61
N VAL C 68 -18.23 -10.56 -7.51
CA VAL C 68 -17.34 -10.63 -8.68
C VAL C 68 -16.52 -11.91 -8.58
N LEU C 69 -16.34 -12.51 -9.77
CA LEU C 69 -15.62 -13.79 -9.81
C LEU C 69 -14.29 -13.52 -10.45
N LEU C 70 -13.24 -13.62 -9.65
CA LEU C 70 -11.89 -13.33 -10.18
C LEU C 70 -11.21 -14.54 -10.75
N ALA C 71 -10.38 -14.33 -11.74
CA ALA C 71 -9.67 -15.45 -12.37
C ALA C 71 -8.22 -15.40 -11.91
N VAL C 72 -7.80 -16.46 -11.23
CA VAL C 72 -6.39 -16.52 -10.76
C VAL C 72 -5.62 -17.49 -11.64
N SER C 73 -4.66 -17.00 -12.42
CA SER C 73 -3.90 -17.82 -13.33
C SER C 73 -2.57 -18.26 -12.71
N CYS C 74 -2.27 -19.53 -12.92
CA CYS C 74 -1.03 -20.10 -12.43
C CYS C 74 -0.22 -20.71 -13.56
N ASP C 75 0.79 -20.05 -14.04
CA ASP C 75 1.61 -20.57 -15.12
C ASP C 75 2.30 -21.87 -14.72
N ALA C 76 2.67 -22.61 -15.74
CA ALA C 76 3.43 -23.85 -15.63
C ALA C 76 4.77 -23.55 -14.97
N PHE C 77 5.14 -24.36 -13.99
CA PHE C 77 6.44 -24.10 -13.35
C PHE C 77 7.00 -25.41 -12.81
N ALA C 78 8.33 -25.48 -12.70
CA ALA C 78 8.96 -26.65 -12.10
C ALA C 78 8.83 -26.60 -10.57
N PHE C 79 7.89 -27.42 -10.07
CA PHE C 79 7.72 -27.47 -8.61
C PHE C 79 9.05 -27.89 -7.98
N GLY C 80 9.31 -27.42 -6.76
CA GLY C 80 10.57 -27.77 -6.09
C GLY C 80 11.72 -26.85 -6.52
N GLN C 81 11.91 -26.70 -7.83
CA GLN C 81 12.90 -25.82 -8.40
C GLN C 81 12.56 -24.40 -7.94
N GLU C 82 11.25 -24.16 -7.87
CA GLU C 82 10.78 -22.86 -7.42
C GLU C 82 10.20 -22.85 -6.00
N ASP C 83 10.34 -21.67 -5.40
CA ASP C 83 9.82 -21.37 -4.09
C ASP C 83 8.29 -21.36 -4.23
N THR C 84 7.65 -22.25 -3.47
CA THR C 84 6.20 -22.32 -3.53
C THR C 84 5.58 -22.16 -2.14
N ASN C 85 6.41 -21.85 -1.14
CA ASN C 85 5.89 -21.73 0.20
C ASN C 85 5.41 -20.34 0.57
N ASN C 86 5.50 -19.40 -0.40
CA ASN C 86 5.07 -18.05 0.04
C ASN C 86 4.25 -17.38 -1.03
N ASP C 87 3.19 -18.09 -1.43
CA ASP C 87 2.32 -17.47 -2.45
C ASP C 87 1.01 -17.14 -1.75
N ARG C 88 0.46 -15.98 -2.02
CA ARG C 88 -0.77 -15.53 -1.43
C ARG C 88 -1.38 -14.49 -2.39
N ILE C 89 -2.67 -14.43 -2.29
CA ILE C 89 -3.47 -13.47 -3.06
C ILE C 89 -4.02 -12.45 -2.05
N THR C 90 -4.01 -11.17 -2.39
CA THR C 90 -4.43 -10.19 -1.40
C THR C 90 -5.53 -9.32 -1.98
N VAL C 91 -6.61 -9.27 -1.22
CA VAL C 91 -7.77 -8.48 -1.57
C VAL C 91 -7.73 -7.23 -0.68
N GLU C 92 -7.68 -6.06 -1.29
CA GLU C 92 -7.67 -4.79 -0.59
C GLU C 92 -8.95 -4.02 -1.01
N TRP C 93 -9.54 -3.34 -0.04
CA TRP C 93 -10.72 -2.58 -0.42
C TRP C 93 -10.98 -1.39 0.50
N THR C 94 -11.74 -0.43 -0.03
CA THR C 94 -12.16 0.72 0.74
C THR C 94 -13.50 1.21 0.27
N ASN C 95 -14.26 1.89 1.09
CA ASN C 95 -15.55 2.45 0.65
C ASN C 95 -15.34 3.48 -0.45
N THR C 96 -16.19 3.53 -1.48
CA THR C 96 -15.98 4.56 -2.52
C THR C 96 -16.49 5.90 -2.00
N PRO C 97 -15.93 6.98 -2.50
CA PRO C 97 -16.33 8.30 -2.06
C PRO C 97 -17.70 8.64 -2.63
N ASP C 98 -18.25 9.66 -1.99
CA ASP C 98 -19.51 10.23 -2.39
C ASP C 98 -19.49 10.70 -3.84
N GLY C 99 -20.65 10.61 -4.48
CA GLY C 99 -20.87 11.04 -5.85
C GLY C 99 -20.49 9.99 -6.89
N ALA C 100 -19.28 9.51 -6.74
CA ALA C 100 -18.51 8.56 -7.42
C ALA C 100 -19.18 7.59 -8.39
N ALA C 101 -18.46 7.49 -9.51
CA ALA C 101 -18.87 6.57 -10.56
C ALA C 101 -18.45 5.17 -10.11
N LYS C 102 -18.86 4.20 -10.88
CA LYS C 102 -18.55 2.80 -10.70
C LYS C 102 -17.37 2.44 -11.61
N GLN C 103 -16.25 3.11 -11.42
CA GLN C 103 -15.01 2.92 -12.14
C GLN C 103 -13.87 3.07 -11.15
N PHE C 104 -13.15 1.99 -10.88
CA PHE C 104 -12.06 2.04 -9.93
C PHE C 104 -11.11 3.22 -10.20
N ARG C 105 -10.54 3.69 -9.11
CA ARG C 105 -9.58 4.75 -8.99
C ARG C 105 -8.49 4.41 -7.96
N ARG C 106 -7.22 4.34 -8.39
CA ARG C 106 -6.07 4.06 -7.55
C ARG C 106 -5.94 5.11 -6.45
N GLU C 107 -6.54 6.25 -6.56
CA GLU C 107 -6.57 7.41 -5.71
C GLU C 107 -7.34 7.18 -4.42
N TRP C 108 -8.29 6.26 -4.50
CA TRP C 108 -9.10 5.90 -3.33
C TRP C 108 -8.25 5.26 -2.24
N PHE C 109 -7.15 4.61 -2.61
CA PHE C 109 -6.25 4.01 -1.66
C PHE C 109 -5.12 4.95 -1.21
N GLN C 110 -5.01 6.10 -1.86
CA GLN C 110 -3.94 7.02 -1.53
C GLN C 110 -4.38 8.13 -0.58
N GLY C 111 -5.56 8.67 -0.86
CA GLY C 111 -6.05 9.77 -0.05
C GLY C 111 -6.36 9.42 1.38
N ASP C 112 -6.77 10.40 2.18
CA ASP C 112 -7.13 10.18 3.56
C ASP C 112 -8.20 9.10 3.69
N GLY C 113 -8.04 8.20 4.66
CA GLY C 113 -8.97 7.16 4.97
C GLY C 113 -8.42 5.79 5.37
N MET C 114 -9.29 4.77 5.21
CA MET C 114 -8.97 3.42 5.60
C MET C 114 -9.02 2.31 4.54
N VAL C 115 -7.95 1.52 4.51
CA VAL C 115 -7.87 0.39 3.60
C VAL C 115 -7.93 -0.94 4.36
N ARG C 116 -8.83 -1.83 3.90
CA ARG C 116 -8.97 -3.14 4.58
C ARG C 116 -8.36 -4.24 3.68
N ARG C 117 -7.77 -5.26 4.30
CA ARG C 117 -7.05 -6.25 3.53
C ARG C 117 -7.38 -7.66 3.97
N LYS C 118 -7.53 -8.56 2.99
CA LYS C 118 -7.76 -9.98 3.27
C LYS C 118 -6.79 -10.81 2.43
N ASN C 119 -5.96 -11.59 3.13
CA ASN C 119 -4.99 -12.47 2.46
C ASN C 119 -5.56 -13.86 2.26
N LEU C 120 -5.28 -14.43 1.11
CA LEU C 120 -5.70 -15.80 0.80
C LEU C 120 -4.44 -16.54 0.31
N PRO C 121 -3.77 -17.22 1.23
CA PRO C 121 -2.56 -17.99 0.98
C PRO C 121 -2.84 -19.10 -0.08
N ILE C 122 -1.88 -19.30 -0.94
CA ILE C 122 -1.90 -20.25 -2.01
C ILE C 122 -1.20 -21.51 -1.44
N GLU C 123 -1.92 -22.60 -1.44
CA GLU C 123 -1.37 -23.87 -0.96
C GLU C 123 -1.25 -24.88 -2.11
N TYR C 124 -0.05 -25.46 -2.26
CA TYR C 124 0.24 -26.35 -3.35
C TYR C 124 0.06 -27.81 -2.94
N ASN C 125 -0.77 -28.54 -3.69
CA ASN C 125 -1.00 -29.98 -3.37
C ASN C 125 -0.48 -30.79 -4.56
N PRO C 126 0.78 -31.31 -4.28
CA PRO C 126 1.52 -31.97 -5.37
C PRO C 126 1.26 -33.44 -5.67
N SER D 3 1.43 -65.74 -8.14
CA SER D 3 0.75 -64.46 -7.81
C SER D 3 1.08 -63.49 -8.95
N VAL D 4 2.02 -62.61 -8.78
CA VAL D 4 2.39 -61.55 -9.66
C VAL D 4 1.26 -60.50 -9.48
N PRO D 5 1.56 -59.88 -8.34
CA PRO D 5 0.80 -58.76 -7.85
C PRO D 5 1.06 -57.61 -8.82
N PRO D 6 0.04 -56.81 -9.04
CA PRO D 6 0.16 -55.61 -9.85
C PRO D 6 1.14 -54.64 -9.15
N GLY D 7 2.10 -54.12 -9.89
CA GLY D 7 3.08 -53.17 -9.45
C GLY D 7 2.42 -51.86 -9.10
N ASP D 8 3.23 -50.86 -8.72
CA ASP D 8 2.66 -49.62 -8.20
C ASP D 8 2.60 -48.51 -9.22
N ILE D 9 1.66 -47.60 -8.96
CA ILE D 9 1.45 -46.48 -9.83
C ILE D 9 1.83 -45.20 -9.09
N GLN D 10 1.83 -44.15 -9.86
CA GLN D 10 2.09 -42.81 -9.25
C GLN D 10 0.98 -41.91 -9.73
N THR D 11 0.38 -41.11 -8.89
CA THR D 11 -0.71 -40.26 -9.33
C THR D 11 -0.33 -38.82 -9.04
N GLN D 12 -0.91 -37.87 -9.78
CA GLN D 12 -0.67 -36.44 -9.49
C GLN D 12 -2.04 -35.78 -9.47
N PRO D 13 -2.47 -35.26 -8.35
CA PRO D 13 -1.75 -35.23 -7.08
C PRO D 13 -1.58 -36.59 -6.45
N GLY D 14 -0.67 -36.84 -5.54
CA GLY D 14 -0.40 -38.14 -4.98
C GLY D 14 -1.14 -38.59 -3.76
N THR D 15 -1.82 -37.69 -3.05
CA THR D 15 -2.44 -38.10 -1.77
C THR D 15 -3.89 -37.80 -1.62
N LYS D 16 -4.32 -36.83 -2.39
CA LYS D 16 -5.71 -36.37 -2.33
C LYS D 16 -5.96 -35.26 -3.35
N ILE D 17 -7.22 -34.90 -3.56
CA ILE D 17 -7.47 -33.78 -4.49
C ILE D 17 -8.35 -32.78 -3.81
N VAL D 18 -8.03 -31.49 -4.01
CA VAL D 18 -8.81 -30.50 -3.24
C VAL D 18 -9.72 -29.73 -4.17
N PHE D 19 -11.02 -29.70 -3.85
CA PHE D 19 -11.97 -28.92 -4.65
C PHE D 19 -12.23 -27.56 -3.97
N ASN D 20 -11.82 -26.49 -4.66
CA ASN D 20 -11.99 -25.14 -4.11
C ASN D 20 -13.38 -24.61 -4.41
N ALA D 21 -14.05 -23.96 -3.48
CA ALA D 21 -15.35 -23.26 -3.81
C ALA D 21 -15.04 -22.10 -4.71
N PRO D 22 -16.01 -21.42 -5.30
CA PRO D 22 -17.41 -21.66 -5.18
C PRO D 22 -17.90 -22.94 -5.84
N TYR D 23 -19.07 -23.49 -5.49
CA TYR D 23 -19.54 -24.74 -6.07
C TYR D 23 -20.82 -24.53 -6.86
N ASP D 24 -20.88 -23.45 -7.62
CA ASP D 24 -21.99 -22.93 -8.37
C ASP D 24 -21.98 -23.35 -9.82
N ASP D 25 -20.97 -24.11 -10.18
CA ASP D 25 -20.82 -24.54 -11.58
C ASP D 25 -20.23 -25.92 -11.60
N LYS D 26 -20.08 -26.43 -12.82
CA LYS D 26 -19.48 -27.75 -12.98
C LYS D 26 -17.96 -27.59 -13.08
N HIS D 27 -17.22 -27.80 -11.99
CA HIS D 27 -15.76 -27.69 -12.09
C HIS D 27 -15.20 -28.98 -12.69
N THR D 28 -14.07 -28.91 -13.38
CA THR D 28 -13.45 -30.08 -13.97
C THR D 28 -11.98 -30.21 -13.58
N TYR D 29 -11.66 -31.14 -12.68
CA TYR D 29 -10.28 -31.36 -12.25
C TYR D 29 -9.61 -32.43 -13.06
N HIS D 30 -8.30 -32.57 -12.87
CA HIS D 30 -7.54 -33.56 -13.66
C HIS D 30 -6.59 -34.29 -12.71
N ILE D 31 -6.46 -35.58 -12.90
CA ILE D 31 -5.56 -36.40 -12.12
C ILE D 31 -4.72 -37.19 -13.14
N LYS D 32 -3.43 -37.10 -12.98
CA LYS D 32 -2.57 -37.90 -13.87
C LYS D 32 -2.30 -39.24 -13.16
N VAL D 33 -2.36 -40.33 -13.87
CA VAL D 33 -2.09 -41.67 -13.39
C VAL D 33 -0.94 -42.20 -14.25
N ILE D 34 0.17 -42.51 -13.61
CA ILE D 34 1.31 -43.07 -14.33
C ILE D 34 1.58 -44.51 -13.91
N ASN D 35 1.71 -45.38 -14.88
CA ASN D 35 2.07 -46.75 -14.68
C ASN D 35 3.59 -46.84 -14.52
N SER D 36 4.07 -46.81 -13.28
CA SER D 36 5.47 -46.96 -12.96
C SER D 36 5.97 -48.42 -13.02
N SER D 37 5.08 -49.40 -13.08
CA SER D 37 5.46 -50.80 -13.10
C SER D 37 6.16 -51.20 -14.38
N ALA D 38 6.65 -52.46 -14.44
CA ALA D 38 7.28 -52.94 -15.67
C ALA D 38 6.26 -53.77 -16.41
N ARG D 39 4.99 -53.76 -15.97
CA ARG D 39 3.99 -54.60 -16.64
C ARG D 39 2.84 -53.73 -17.11
N ARG D 40 2.19 -54.10 -18.18
CA ARG D 40 1.01 -53.46 -18.70
C ARG D 40 -0.16 -53.77 -17.76
N ILE D 41 -0.83 -52.67 -17.43
CA ILE D 41 -1.94 -52.80 -16.49
C ILE D 41 -3.24 -52.29 -17.06
N GLY D 42 -4.32 -52.87 -16.56
CA GLY D 42 -5.66 -52.42 -16.86
C GLY D 42 -6.13 -51.62 -15.65
N TYR D 43 -6.82 -50.51 -15.83
CA TYR D 43 -7.31 -49.79 -14.66
C TYR D 43 -8.76 -49.38 -14.77
N GLY D 44 -9.36 -49.18 -13.63
CA GLY D 44 -10.78 -48.75 -13.53
C GLY D 44 -10.84 -47.60 -12.49
N ILE D 45 -11.77 -46.67 -12.64
CA ILE D 45 -11.86 -45.53 -11.73
C ILE D 45 -13.26 -45.52 -11.12
N LYS D 46 -13.37 -45.35 -9.80
CA LYS D 46 -14.70 -45.29 -9.18
C LYS D 46 -14.76 -44.08 -8.27
N THR D 47 -15.94 -43.54 -7.96
CA THR D 47 -16.07 -42.40 -7.06
C THR D 47 -17.17 -42.73 -6.05
N THR D 48 -17.25 -41.95 -4.99
CA THR D 48 -18.24 -42.16 -3.95
C THR D 48 -19.53 -41.42 -4.15
N ASN D 49 -19.53 -40.61 -5.22
CA ASN D 49 -20.80 -39.90 -5.47
C ASN D 49 -21.02 -39.79 -6.94
N MET D 50 -21.63 -40.82 -7.53
CA MET D 50 -21.88 -40.81 -8.97
C MET D 50 -22.81 -39.65 -9.30
N LYS D 51 -23.64 -39.23 -8.33
CA LYS D 51 -24.50 -38.10 -8.66
C LYS D 51 -23.68 -36.86 -9.00
N ARG D 52 -22.85 -36.40 -8.09
CA ARG D 52 -22.04 -35.20 -8.21
C ARG D 52 -20.73 -35.38 -8.94
N LEU D 53 -20.04 -36.54 -8.79
CA LEU D 53 -18.76 -36.74 -9.41
C LEU D 53 -18.82 -37.61 -10.65
N GLY D 54 -17.90 -37.35 -11.57
CA GLY D 54 -17.77 -38.09 -12.82
C GLY D 54 -16.32 -38.12 -13.32
N VAL D 55 -15.85 -39.29 -13.75
CA VAL D 55 -14.49 -39.49 -14.20
C VAL D 55 -14.42 -39.98 -15.65
N ASP D 56 -13.44 -39.42 -16.36
CA ASP D 56 -13.32 -39.79 -17.77
C ASP D 56 -11.91 -39.65 -18.29
N PRO D 57 -11.36 -40.73 -18.81
CA PRO D 57 -12.02 -42.02 -18.96
C PRO D 57 -12.20 -42.80 -17.69
N PRO D 58 -13.22 -43.65 -17.59
CA PRO D 58 -13.51 -44.46 -16.41
C PRO D 58 -12.71 -45.73 -16.30
N CYS D 59 -12.08 -46.14 -17.40
CA CYS D 59 -11.26 -47.34 -17.43
C CYS D 59 -10.30 -47.25 -18.60
N GLY D 60 -9.17 -47.95 -18.50
CA GLY D 60 -8.24 -47.89 -19.64
C GLY D 60 -7.16 -48.91 -19.54
N VAL D 61 -6.10 -48.77 -20.33
CA VAL D 61 -4.98 -49.73 -20.25
C VAL D 61 -3.70 -48.90 -20.38
N LEU D 62 -2.68 -49.19 -19.61
CA LEU D 62 -1.46 -48.39 -19.63
C LEU D 62 -0.25 -49.31 -19.82
N ASP D 63 0.48 -49.19 -20.89
CA ASP D 63 1.73 -49.91 -21.00
C ASP D 63 2.68 -49.41 -19.89
N PRO D 64 3.77 -50.15 -19.69
CA PRO D 64 4.76 -49.77 -18.68
C PRO D 64 5.25 -48.37 -18.93
N LYS D 65 5.29 -47.53 -17.91
CA LYS D 65 5.72 -46.16 -17.95
C LYS D 65 4.74 -45.22 -18.69
N GLU D 66 3.59 -45.64 -19.14
CA GLU D 66 2.64 -44.84 -19.86
C GLU D 66 1.76 -44.08 -18.87
N ALA D 67 1.29 -42.90 -19.34
CA ALA D 67 0.47 -42.15 -18.40
C ALA D 67 -0.86 -41.78 -19.02
N VAL D 68 -1.80 -41.48 -18.12
CA VAL D 68 -3.07 -41.02 -18.63
C VAL D 68 -3.57 -39.82 -17.81
N LEU D 69 -4.14 -38.81 -18.46
CA LEU D 69 -4.70 -37.69 -17.66
C LEU D 69 -6.21 -37.87 -17.53
N LEU D 70 -6.69 -38.08 -16.32
CA LEU D 70 -8.13 -38.26 -16.13
C LEU D 70 -8.85 -36.98 -15.85
N ALA D 71 -10.12 -36.90 -16.26
CA ALA D 71 -10.90 -35.68 -15.99
C ALA D 71 -11.96 -35.97 -14.94
N VAL D 72 -11.82 -35.24 -13.83
CA VAL D 72 -12.78 -35.44 -12.74
C VAL D 72 -13.75 -34.27 -12.75
N SER D 73 -15.04 -34.54 -12.95
CA SER D 73 -15.99 -33.44 -12.97
C SER D 73 -16.84 -33.48 -11.73
N CYS D 74 -17.00 -32.26 -11.22
CA CYS D 74 -17.76 -32.03 -10.02
C CYS D 74 -18.88 -31.06 -10.35
N ASP D 75 -20.10 -31.55 -10.26
CA ASP D 75 -21.27 -30.75 -10.52
C ASP D 75 -21.41 -29.64 -9.48
N ALA D 76 -22.34 -28.74 -9.78
CA ALA D 76 -22.64 -27.66 -8.83
C ALA D 76 -23.52 -28.28 -7.74
N PHE D 77 -23.29 -28.00 -6.50
CA PHE D 77 -24.03 -28.51 -5.36
C PHE D 77 -24.04 -27.50 -4.20
N ALA D 78 -24.95 -27.75 -3.24
CA ALA D 78 -25.06 -26.83 -2.08
C ALA D 78 -24.12 -27.38 -1.01
N PHE D 79 -23.15 -26.55 -0.65
CA PHE D 79 -22.11 -26.97 0.26
C PHE D 79 -22.55 -27.28 1.67
N GLY D 80 -23.35 -26.44 2.30
CA GLY D 80 -23.78 -26.76 3.69
C GLY D 80 -24.62 -28.05 3.65
N GLN D 81 -25.48 -28.11 2.65
CA GLN D 81 -26.45 -29.10 2.33
C GLN D 81 -26.12 -30.49 1.86
N GLU D 82 -24.96 -31.10 2.05
CA GLU D 82 -24.68 -32.48 1.61
C GLU D 82 -23.61 -33.20 2.44
N ASP D 83 -23.24 -34.46 2.12
CA ASP D 83 -22.20 -35.22 2.83
C ASP D 83 -20.84 -35.15 2.14
N THR D 84 -20.15 -34.03 2.36
CA THR D 84 -18.86 -33.60 1.87
C THR D 84 -17.65 -34.23 2.57
N ASN D 85 -17.89 -35.14 3.50
CA ASN D 85 -16.92 -35.75 4.37
C ASN D 85 -16.45 -37.11 3.94
N ASN D 86 -17.23 -37.80 3.11
CA ASN D 86 -16.82 -39.15 2.72
C ASN D 86 -16.41 -39.31 1.28
N ASP D 87 -16.27 -38.25 0.48
CA ASP D 87 -15.94 -38.40 -0.92
C ASP D 87 -14.50 -38.79 -1.27
N ARG D 88 -14.38 -39.63 -2.30
CA ARG D 88 -13.07 -39.99 -2.79
C ARG D 88 -13.17 -40.66 -4.17
N ILE D 89 -11.99 -40.74 -4.77
CA ILE D 89 -11.76 -41.32 -6.09
C ILE D 89 -10.87 -42.55 -5.93
N THR D 90 -11.30 -43.66 -6.48
CA THR D 90 -10.53 -44.89 -6.37
C THR D 90 -9.98 -45.34 -7.69
N VAL D 91 -8.69 -45.58 -7.76
CA VAL D 91 -8.06 -46.13 -8.97
C VAL D 91 -7.74 -47.60 -8.67
N GLU D 92 -8.35 -48.50 -9.39
CA GLU D 92 -8.20 -49.95 -9.21
C GLU D 92 -7.39 -50.50 -10.39
N TRP D 93 -6.43 -51.39 -10.21
CA TRP D 93 -5.69 -51.91 -11.36
C TRP D 93 -5.13 -53.31 -11.19
N THR D 94 -4.89 -53.97 -12.32
CA THR D 94 -4.36 -55.35 -12.31
C THR D 94 -3.51 -55.55 -13.55
N ASN D 95 -2.55 -56.47 -13.51
CA ASN D 95 -1.75 -56.74 -14.71
C ASN D 95 -2.64 -57.30 -15.81
N THR D 96 -2.52 -56.81 -17.02
CA THR D 96 -3.33 -57.37 -18.11
C THR D 96 -2.90 -58.85 -18.31
N PRO D 97 -3.89 -59.71 -18.50
CA PRO D 97 -3.68 -61.14 -18.67
C PRO D 97 -2.94 -61.50 -19.93
N ASP D 98 -2.29 -62.65 -19.79
CA ASP D 98 -1.49 -63.20 -20.89
C ASP D 98 -2.28 -63.18 -22.20
N GLY D 99 -1.71 -62.46 -23.17
CA GLY D 99 -2.35 -62.37 -24.47
C GLY D 99 -3.68 -61.63 -24.42
N ALA D 100 -3.59 -60.33 -24.21
CA ALA D 100 -4.79 -59.50 -24.22
C ALA D 100 -4.38 -58.34 -25.11
N ALA D 101 -5.35 -57.70 -25.74
CA ALA D 101 -5.03 -56.52 -26.55
C ALA D 101 -5.13 -55.37 -25.55
N LYS D 102 -4.85 -54.20 -26.04
CA LYS D 102 -4.91 -52.99 -25.24
C LYS D 102 -6.31 -52.39 -25.22
N GLN D 103 -7.29 -53.16 -24.79
CA GLN D 103 -8.65 -52.70 -24.63
C GLN D 103 -9.15 -53.28 -23.29
N PHE D 104 -9.53 -52.41 -22.38
CA PHE D 104 -10.00 -52.87 -21.08
C PHE D 104 -11.15 -53.86 -21.25
N ARG D 105 -11.20 -54.81 -20.34
CA ARG D 105 -12.22 -55.83 -20.20
C ARG D 105 -12.56 -55.90 -18.73
N ARG D 106 -13.85 -55.77 -18.43
CA ARG D 106 -14.32 -55.79 -17.06
C ARG D 106 -13.99 -57.12 -16.42
N GLU D 107 -13.83 -58.16 -17.23
CA GLU D 107 -13.52 -59.49 -16.80
C GLU D 107 -12.18 -59.60 -16.10
N TRP D 108 -11.18 -58.77 -16.43
CA TRP D 108 -9.89 -58.89 -15.76
C TRP D 108 -9.93 -58.73 -14.25
N PHE D 109 -10.97 -58.13 -13.72
CA PHE D 109 -11.13 -57.91 -12.30
C PHE D 109 -11.95 -58.99 -11.61
N GLN D 110 -12.44 -59.88 -12.45
CA GLN D 110 -13.28 -60.97 -12.04
C GLN D 110 -12.58 -62.32 -11.99
N GLY D 111 -11.75 -62.66 -12.96
CA GLY D 111 -11.15 -64.00 -12.88
C GLY D 111 -10.22 -64.10 -11.67
N ASP D 112 -9.68 -65.31 -11.50
CA ASP D 112 -8.68 -65.49 -10.47
C ASP D 112 -7.58 -64.43 -10.61
N GLY D 113 -7.12 -63.93 -9.45
CA GLY D 113 -6.08 -62.94 -9.50
C GLY D 113 -6.13 -61.88 -8.43
N MET D 114 -5.27 -60.86 -8.64
CA MET D 114 -5.13 -59.77 -7.73
C MET D 114 -5.42 -58.40 -8.31
N VAL D 115 -6.20 -57.64 -7.53
CA VAL D 115 -6.55 -56.28 -7.82
C VAL D 115 -5.89 -55.36 -6.77
N ARG D 116 -5.41 -54.22 -7.25
CA ARG D 116 -4.73 -53.26 -6.41
C ARG D 116 -5.50 -51.95 -6.43
N ARG D 117 -5.56 -51.26 -5.30
CA ARG D 117 -6.32 -50.04 -5.22
C ARG D 117 -5.56 -48.90 -4.55
N LYS D 118 -5.79 -47.71 -5.02
CA LYS D 118 -5.26 -46.49 -4.44
C LYS D 118 -6.38 -45.42 -4.31
N ASN D 119 -6.63 -44.95 -3.10
CA ASN D 119 -7.64 -43.95 -2.90
C ASN D 119 -7.00 -42.56 -2.91
N LEU D 120 -7.81 -41.62 -3.40
CA LEU D 120 -7.52 -40.19 -3.44
C LEU D 120 -8.74 -39.43 -2.87
N PRO D 121 -8.77 -39.18 -1.57
CA PRO D 121 -9.85 -38.52 -0.90
C PRO D 121 -10.06 -37.13 -1.51
N ILE D 122 -11.31 -36.76 -1.65
CA ILE D 122 -11.73 -35.49 -2.17
C ILE D 122 -11.91 -34.57 -0.91
N GLU D 123 -11.16 -33.50 -0.87
CA GLU D 123 -11.23 -32.55 0.25
C GLU D 123 -11.82 -31.23 -0.21
N TYR D 124 -12.88 -30.78 0.43
CA TYR D 124 -13.50 -29.51 0.00
C TYR D 124 -12.93 -28.31 0.75
N ASN D 125 -12.56 -27.29 -0.01
CA ASN D 125 -11.99 -26.05 0.52
C ASN D 125 -12.99 -24.94 0.14
N PRO D 126 -13.87 -24.75 1.21
CA PRO D 126 -14.96 -23.79 1.00
C PRO D 126 -14.69 -22.32 1.22
#